data_9MI4
#
_entry.id   9MI4
#
_cell.length_a   59.855
_cell.length_b   56.641
_cell.length_c   80.397
_cell.angle_alpha   90.00
_cell.angle_beta   103.94
_cell.angle_gamma   90.00
#
_symmetry.space_group_name_H-M   'P 1 21 1'
#
loop_
_entity.id
_entity.type
_entity.pdbx_description
1 polymer 'Calmodulin-domain protein kinase 1'
2 non-polymer 'CALCIUM ION'
3 non-polymer (6M)-6-(2,4-dichlorophenyl)-8-(2-hydroxyethyl)-2-[3-(methanesulfonyl)anilino]pyrido[2,3-d]pyrimidin-7(8H)-one
4 non-polymer 'MAGNESIUM ION'
5 non-polymer 'CHLORIDE ION'
#
_entity_poly.entity_id   1
_entity_poly.type   'polypeptide(L)'
_entity_poly.pdbx_seq_one_letter_code
;MGSSHHHHHHSSGRENLYFQGHMGTFAERYNIVCMLGKGSFGEVLKCKDRITQQEYAVKVINKASAKNKDTSTILREVEL
LKKLDHPNIMKLFEILEDSSSFYIVGELYTGGELFDEIIKRKRFSEHDAARIIKQVFSGITYMHKHNIVHRDLKPENILL
ESKEKDCDIKIIDFGLSTCFQQNTKMKDRIGTAYYIAPEVLRGTYDEKCDVWSAGVILYILLSGTPPFYGKNEYDILKRV
ETGKYAFDLPQWRTISDDAKDLIRKMLTFHPSLRITATQCLEHPWIQKYSSETPTISDLPSLESAMTNIRQFQAEKKLAQ
AALLYMASKLTTLDETKQLTEIFRKLDTNNDGMLDRDELVRGYHEFMRLKGVDSNSLIQNEGSTIEDQIDSLMPLLDMDG
SGSIEYSEFIASAIDRTILLSRERMERAFKMFDKDGSGKISTKELFKLFSQADSSIQMEELESIIEQVDNNKDGEVDFNE
FVEMLQNFVRNE
;
_entity_poly.pdbx_strand_id   A
#
# COMPACT_ATOMS: atom_id res chain seq x y z
N PHE A 19 1.24 -6.01 -36.64
CA PHE A 19 2.27 -5.25 -35.92
C PHE A 19 2.46 -5.80 -34.52
N GLN A 20 1.35 -6.03 -33.80
CA GLN A 20 1.40 -6.59 -32.46
C GLN A 20 1.61 -8.10 -32.44
N GLY A 21 1.62 -8.74 -33.62
CA GLY A 21 1.79 -10.18 -33.66
C GLY A 21 2.93 -10.68 -32.80
N HIS A 22 4.01 -9.91 -32.70
CA HIS A 22 5.18 -10.31 -31.93
C HIS A 22 5.38 -9.51 -30.65
N MET A 23 4.57 -8.48 -30.41
CA MET A 23 4.52 -7.88 -29.08
C MET A 23 3.91 -8.87 -28.10
N GLY A 24 4.44 -8.89 -26.88
CA GLY A 24 4.05 -9.89 -25.90
C GLY A 24 3.25 -9.42 -24.72
N THR A 25 2.78 -8.17 -24.70
CA THR A 25 2.06 -7.63 -23.55
C THR A 25 2.94 -7.64 -22.31
N PHE A 26 2.98 -8.77 -21.59
CA PHE A 26 3.85 -8.86 -20.42
C PHE A 26 5.31 -9.00 -20.83
N ALA A 27 5.59 -9.86 -21.81
CA ALA A 27 6.96 -10.02 -22.28
C ALA A 27 7.49 -8.77 -22.96
N GLU A 28 6.61 -7.92 -23.49
CA GLU A 28 7.04 -6.68 -24.11
C GLU A 28 7.60 -5.71 -23.08
N ARG A 29 6.97 -5.64 -21.91
CA ARG A 29 7.31 -4.62 -20.93
C ARG A 29 8.35 -5.09 -19.92
N TYR A 30 8.21 -6.32 -19.44
CA TYR A 30 9.02 -6.81 -18.34
C TYR A 30 10.00 -7.89 -18.81
N ASN A 31 11.03 -8.09 -18.00
CA ASN A 31 12.06 -9.09 -18.25
C ASN A 31 12.27 -9.88 -16.96
N ILE A 32 12.04 -11.19 -17.01
CA ILE A 32 12.22 -12.00 -15.83
C ILE A 32 13.70 -12.05 -15.46
N VAL A 33 13.98 -11.94 -14.17
CA VAL A 33 15.33 -11.91 -13.64
C VAL A 33 15.67 -13.19 -12.89
N CYS A 34 14.78 -13.62 -12.01
CA CYS A 34 14.94 -14.85 -11.26
C CYS A 34 13.59 -15.22 -10.64
N MET A 35 13.55 -16.39 -10.00
CA MET A 35 12.37 -16.81 -9.27
C MET A 35 12.61 -16.61 -7.78
N LEU A 36 11.70 -15.90 -7.11
CA LEU A 36 11.83 -15.68 -5.69
C LEU A 36 11.35 -16.90 -4.90
N GLY A 37 10.16 -17.39 -5.19
CA GLY A 37 9.66 -18.56 -4.50
C GLY A 37 8.43 -19.12 -5.16
N LYS A 38 7.80 -20.08 -4.48
CA LYS A 38 6.58 -20.73 -4.93
C LYS A 38 5.56 -20.56 -3.82
N GLY A 39 4.55 -19.73 -4.05
CA GLY A 39 3.60 -19.38 -3.01
C GLY A 39 2.16 -19.71 -3.30
N SER A 40 1.67 -20.80 -2.73
CA SER A 40 0.27 -21.23 -2.81
C SER A 40 -0.30 -21.10 -4.22
N PHE A 41 -0.88 -19.94 -4.53
CA PHE A 41 -1.62 -19.78 -5.77
C PHE A 41 -0.74 -20.03 -6.99
N GLY A 42 0.45 -19.43 -7.01
CA GLY A 42 1.33 -19.64 -8.14
C GLY A 42 2.76 -19.28 -7.81
N GLU A 43 3.61 -19.34 -8.83
CA GLU A 43 5.01 -18.95 -8.68
C GLU A 43 5.13 -17.43 -8.65
N VAL A 44 6.17 -16.96 -7.96
CA VAL A 44 6.42 -15.54 -7.77
C VAL A 44 7.83 -15.25 -8.26
N LEU A 45 7.95 -14.25 -9.13
CA LEU A 45 9.19 -13.95 -9.83
C LEU A 45 9.58 -12.50 -9.61
N LYS A 46 10.86 -12.23 -9.79
CA LYS A 46 11.37 -10.85 -9.83
C LYS A 46 11.57 -10.49 -11.30
N CYS A 47 10.73 -9.59 -11.81
CA CYS A 47 10.85 -9.07 -13.16
C CYS A 47 11.47 -7.67 -13.11
N LYS A 48 11.79 -7.15 -14.29
CA LYS A 48 12.45 -5.86 -14.39
C LYS A 48 11.96 -5.16 -15.65
N ASP A 49 11.43 -3.94 -15.49
CA ASP A 49 11.02 -3.14 -16.63
C ASP A 49 12.19 -2.93 -17.58
N ARG A 50 11.94 -3.16 -18.87
CA ARG A 50 13.03 -3.10 -19.85
C ARG A 50 13.48 -1.67 -20.11
N ILE A 51 12.57 -0.70 -20.00
CA ILE A 51 12.89 0.69 -20.30
C ILE A 51 13.35 1.42 -19.04
N THR A 52 12.60 1.30 -17.94
CA THR A 52 12.85 2.08 -16.74
C THR A 52 13.88 1.44 -15.81
N GLN A 53 14.10 0.13 -15.90
CA GLN A 53 15.03 -0.65 -15.10
C GLN A 53 14.51 -0.87 -13.69
N GLN A 54 13.31 -0.42 -13.35
CA GLN A 54 12.74 -0.68 -12.04
C GLN A 54 12.37 -2.15 -11.91
N GLU A 55 12.54 -2.67 -10.70
CA GLU A 55 12.30 -4.08 -10.41
C GLU A 55 11.01 -4.25 -9.62
N TYR A 56 10.22 -5.25 -9.99
CA TYR A 56 8.94 -5.54 -9.37
C TYR A 56 8.88 -7.01 -9.00
N ALA A 57 7.80 -7.38 -8.30
CA ALA A 57 7.47 -8.77 -8.02
C ALA A 57 6.16 -9.10 -8.72
N VAL A 58 6.20 -10.11 -9.60
CA VAL A 58 5.03 -10.53 -10.36
C VAL A 58 4.58 -11.90 -9.86
N LYS A 59 3.27 -12.11 -9.85
CA LYS A 59 2.69 -13.39 -9.48
C LYS A 59 2.05 -14.02 -10.72
N VAL A 60 2.57 -15.17 -11.12
CA VAL A 60 2.10 -15.88 -12.30
C VAL A 60 1.15 -16.97 -11.84
N ILE A 61 -0.08 -16.95 -12.34
CA ILE A 61 -1.12 -17.87 -11.92
C ILE A 61 -1.69 -18.51 -13.19
N ASN A 62 -1.51 -19.83 -13.34
CA ASN A 62 -2.04 -20.51 -14.50
C ASN A 62 -3.56 -20.39 -14.53
N LYS A 63 -4.08 -19.97 -15.68
CA LYS A 63 -5.51 -19.72 -15.81
C LYS A 63 -6.30 -21.03 -15.73
N ALA A 64 -5.97 -21.97 -16.61
CA ALA A 64 -6.77 -23.19 -16.71
C ALA A 64 -6.79 -23.96 -15.39
N SER A 65 -5.69 -23.96 -14.66
CA SER A 65 -5.59 -24.79 -13.47
C SER A 65 -6.20 -24.13 -12.24
N ALA A 66 -6.28 -22.80 -12.20
CA ALA A 66 -6.62 -22.10 -10.98
C ALA A 66 -7.96 -21.36 -11.02
N LYS A 67 -8.51 -21.10 -12.19
CA LYS A 67 -9.66 -20.22 -12.29
C LYS A 67 -10.94 -20.88 -11.79
N ASN A 68 -11.61 -20.21 -10.83
CA ASN A 68 -12.97 -20.57 -10.44
C ASN A 68 -14.03 -19.77 -11.19
N LYS A 69 -13.68 -18.60 -11.72
CA LYS A 69 -14.62 -17.73 -12.42
C LYS A 69 -14.03 -17.35 -13.78
N ASP A 70 -14.69 -16.44 -14.50
CA ASP A 70 -14.25 -16.06 -15.83
C ASP A 70 -13.25 -14.91 -15.75
N THR A 71 -12.60 -14.63 -16.90
CA THR A 71 -11.56 -13.62 -16.90
C THR A 71 -12.12 -12.21 -16.71
N SER A 72 -13.33 -11.94 -17.19
CA SER A 72 -13.94 -10.64 -16.97
C SER A 72 -14.15 -10.38 -15.49
N THR A 73 -14.56 -11.41 -14.74
CA THR A 73 -14.77 -11.24 -13.31
C THR A 73 -13.44 -11.08 -12.58
N ILE A 74 -12.42 -11.84 -12.99
CA ILE A 74 -11.12 -11.76 -12.33
C ILE A 74 -10.54 -10.37 -12.48
N LEU A 75 -10.44 -9.88 -13.72
CA LEU A 75 -9.87 -8.56 -13.96
C LEU A 75 -10.65 -7.47 -13.23
N ARG A 76 -11.93 -7.71 -12.94
CA ARG A 76 -12.68 -6.75 -12.14
C ARG A 76 -12.19 -6.73 -10.70
N GLU A 77 -11.96 -7.90 -10.11
CA GLU A 77 -11.48 -7.95 -8.73
C GLU A 77 -10.08 -7.38 -8.61
N VAL A 78 -9.20 -7.70 -9.57
CA VAL A 78 -7.81 -7.26 -9.47
C VAL A 78 -7.71 -5.76 -9.74
N GLU A 79 -8.64 -5.19 -10.51
CA GLU A 79 -8.66 -3.74 -10.66
C GLU A 79 -9.03 -3.08 -9.35
N LEU A 80 -9.98 -3.65 -8.62
CA LEU A 80 -10.30 -3.15 -7.29
C LEU A 80 -9.07 -3.16 -6.39
N LEU A 81 -8.23 -4.19 -6.52
CA LEU A 81 -7.02 -4.27 -5.72
C LEU A 81 -6.01 -3.22 -6.15
N LYS A 82 -5.91 -2.94 -7.44
CA LYS A 82 -5.00 -1.89 -7.91
C LYS A 82 -5.39 -0.52 -7.37
N LYS A 83 -6.62 -0.38 -6.88
CA LYS A 83 -7.11 0.89 -6.34
C LYS A 83 -6.79 1.06 -4.86
N LEU A 84 -6.28 0.03 -4.19
CA LEU A 84 -5.98 0.11 -2.77
C LEU A 84 -4.66 0.86 -2.57
N ASP A 85 -4.72 2.00 -1.89
CA ASP A 85 -3.55 2.82 -1.62
C ASP A 85 -3.43 3.01 -0.11
N HIS A 86 -2.47 2.33 0.52
CA HIS A 86 -2.26 2.41 1.94
C HIS A 86 -0.79 2.08 2.22
N PRO A 87 -0.12 2.83 3.10
CA PRO A 87 1.30 2.56 3.34
C PRO A 87 1.61 1.17 3.87
N ASN A 88 0.60 0.42 4.30
CA ASN A 88 0.81 -0.89 4.91
C ASN A 88 0.11 -2.00 4.14
N ILE A 89 -0.39 -1.71 2.94
CA ILE A 89 -1.03 -2.70 2.07
C ILE A 89 -0.18 -2.84 0.82
N MET A 90 -0.03 -4.08 0.35
CA MET A 90 0.74 -4.33 -0.86
C MET A 90 0.17 -3.48 -2.01
N LYS A 91 1.05 -3.10 -2.93
CA LYS A 91 0.67 -2.31 -4.09
C LYS A 91 0.76 -3.18 -5.33
N LEU A 92 -0.34 -3.27 -6.07
CA LEU A 92 -0.37 -3.96 -7.36
C LEU A 92 -0.43 -2.91 -8.46
N PHE A 93 0.49 -2.99 -9.42
CA PHE A 93 0.57 -1.99 -10.47
C PHE A 93 -0.35 -2.30 -11.65
N GLU A 94 -0.33 -3.53 -12.16
CA GLU A 94 -1.21 -3.88 -13.27
C GLU A 94 -1.40 -5.39 -13.31
N ILE A 95 -2.23 -5.84 -14.25
CA ILE A 95 -2.61 -7.24 -14.40
C ILE A 95 -2.51 -7.56 -15.88
N LEU A 96 -1.39 -8.15 -16.28
CA LEU A 96 -1.22 -8.60 -17.65
C LEU A 96 -1.70 -10.05 -17.78
N GLU A 97 -1.57 -10.60 -18.98
CA GLU A 97 -2.21 -11.87 -19.30
C GLU A 97 -1.67 -12.41 -20.62
N ASP A 98 -1.48 -13.71 -20.66
CA ASP A 98 -1.25 -14.42 -21.93
C ASP A 98 -2.19 -15.61 -21.98
N SER A 99 -2.02 -16.50 -22.95
CA SER A 99 -2.95 -17.61 -23.11
C SER A 99 -2.88 -18.61 -21.97
N SER A 100 -1.79 -18.61 -21.19
CA SER A 100 -1.59 -19.62 -20.17
C SER A 100 -1.66 -19.11 -18.73
N SER A 101 -1.47 -17.81 -18.51
CA SER A 101 -1.30 -17.33 -17.14
C SER A 101 -1.78 -15.90 -17.01
N PHE A 102 -1.99 -15.50 -15.76
CA PHE A 102 -2.15 -14.10 -15.37
C PHE A 102 -0.86 -13.62 -14.72
N TYR A 103 -0.43 -12.42 -15.08
CA TYR A 103 0.74 -11.79 -14.48
C TYR A 103 0.27 -10.62 -13.64
N ILE A 104 0.46 -10.72 -12.33
CA ILE A 104 0.03 -9.68 -11.39
C ILE A 104 1.30 -8.97 -10.93
N VAL A 105 1.58 -7.83 -11.53
CA VAL A 105 2.79 -7.09 -11.19
C VAL A 105 2.54 -6.27 -9.94
N GLY A 106 3.48 -6.33 -9.00
CA GLY A 106 3.34 -5.63 -7.74
C GLY A 106 4.69 -5.15 -7.27
N GLU A 107 4.67 -4.40 -6.17
CA GLU A 107 5.90 -3.81 -5.65
C GLU A 107 6.74 -4.87 -4.97
N LEU A 108 8.06 -4.74 -5.12
CA LEU A 108 9.01 -5.66 -4.52
C LEU A 108 9.41 -5.16 -3.13
N TYR A 109 9.38 -6.05 -2.15
CA TYR A 109 9.75 -5.73 -0.77
C TYR A 109 10.92 -6.62 -0.38
N THR A 110 11.95 -6.02 0.21
CA THR A 110 13.23 -6.70 0.41
C THR A 110 13.62 -6.86 1.88
N GLY A 111 12.74 -6.52 2.80
CA GLY A 111 13.06 -6.61 4.22
C GLY A 111 12.84 -7.97 4.86
N GLY A 112 12.12 -8.87 4.18
CA GLY A 112 11.82 -10.17 4.73
C GLY A 112 10.47 -10.21 5.42
N GLU A 113 10.10 -11.42 5.84
CA GLU A 113 8.88 -11.63 6.60
C GLU A 113 9.04 -11.14 8.04
N LEU A 114 7.95 -10.60 8.59
CA LEU A 114 7.93 -10.30 10.01
C LEU A 114 8.22 -11.55 10.84
N PHE A 115 7.85 -12.73 10.34
CA PHE A 115 8.17 -13.98 11.03
C PHE A 115 9.66 -14.10 11.28
N ASP A 116 10.49 -13.74 10.29
CA ASP A 116 11.92 -13.76 10.52
C ASP A 116 12.33 -12.73 11.56
N GLU A 117 11.63 -11.60 11.62
CA GLU A 117 11.95 -10.59 12.63
C GLU A 117 11.61 -11.09 14.02
N ILE A 118 10.63 -11.99 14.13
CA ILE A 118 10.27 -12.56 15.42
C ILE A 118 11.31 -13.58 15.87
N ILE A 119 11.91 -14.31 14.92
CA ILE A 119 12.92 -15.30 15.29
C ILE A 119 14.18 -14.59 15.75
N LYS A 120 14.56 -13.50 15.07
CA LYS A 120 15.79 -12.80 15.41
C LYS A 120 15.69 -12.17 16.80
N ARG A 121 14.61 -11.42 17.04
CA ARG A 121 14.47 -10.65 18.27
C ARG A 121 13.86 -11.46 19.40
N LYS A 122 13.02 -12.46 19.08
CA LYS A 122 12.44 -13.39 20.04
C LYS A 122 11.39 -12.76 20.94
N ARG A 123 11.37 -11.44 21.01
CA ARG A 123 10.45 -10.70 21.87
C ARG A 123 10.62 -9.22 21.57
N PHE A 124 9.57 -8.45 21.82
CA PHE A 124 9.54 -7.03 21.52
C PHE A 124 9.07 -6.26 22.74
N SER A 125 9.72 -5.13 23.01
CA SER A 125 9.21 -4.21 24.02
C SER A 125 7.87 -3.67 23.57
N GLU A 126 7.07 -3.21 24.54
CA GLU A 126 5.75 -2.69 24.19
C GLU A 126 5.85 -1.51 23.25
N HIS A 127 6.96 -0.77 23.28
CA HIS A 127 7.13 0.34 22.36
C HIS A 127 7.31 -0.16 20.93
N ASP A 128 8.11 -1.21 20.74
CA ASP A 128 8.35 -1.74 19.40
C ASP A 128 7.12 -2.48 18.88
N ALA A 129 6.54 -3.35 19.71
CA ALA A 129 5.35 -4.09 19.29
C ALA A 129 4.20 -3.16 18.93
N ALA A 130 4.11 -2.00 19.59
CA ALA A 130 3.06 -1.05 19.24
C ALA A 130 3.35 -0.36 17.92
N ARG A 131 4.62 -0.21 17.54
CA ARG A 131 4.96 0.31 16.22
C ARG A 131 4.54 -0.68 15.12
N ILE A 132 4.82 -1.96 15.32
CA ILE A 132 4.48 -2.96 14.31
C ILE A 132 2.97 -3.15 14.23
N ILE A 133 2.33 -3.35 15.39
CA ILE A 133 0.92 -3.73 15.40
C ILE A 133 0.05 -2.57 14.96
N LYS A 134 0.47 -1.33 15.26
CA LYS A 134 -0.26 -0.17 14.78
C LYS A 134 -0.37 -0.17 13.25
N GLN A 135 0.67 -0.67 12.57
CA GLN A 135 0.64 -0.71 11.12
C GLN A 135 -0.27 -1.83 10.63
N VAL A 136 -0.28 -2.97 11.32
CA VAL A 136 -1.19 -4.04 10.95
C VAL A 136 -2.64 -3.62 11.16
N PHE A 137 -2.90 -2.80 12.18
CA PHE A 137 -4.26 -2.35 12.41
C PHE A 137 -4.70 -1.37 11.33
N SER A 138 -3.80 -0.44 10.95
CA SER A 138 -4.17 0.56 9.95
C SER A 138 -4.49 -0.09 8.62
N GLY A 139 -3.66 -1.03 8.19
CA GLY A 139 -3.93 -1.72 6.93
C GLY A 139 -5.19 -2.54 6.99
N ILE A 140 -5.36 -3.34 8.04
CA ILE A 140 -6.55 -4.18 8.18
C ILE A 140 -7.80 -3.31 8.19
N THR A 141 -7.73 -2.16 8.86
CA THR A 141 -8.87 -1.24 8.85
C THR A 141 -9.18 -0.77 7.44
N TYR A 142 -8.15 -0.50 6.65
CA TYR A 142 -8.35 -0.04 5.28
C TYR A 142 -9.01 -1.11 4.43
N MET A 143 -8.52 -2.35 4.52
CA MET A 143 -9.12 -3.44 3.75
C MET A 143 -10.59 -3.60 4.10
N HIS A 144 -10.91 -3.63 5.40
CA HIS A 144 -12.29 -3.85 5.81
C HIS A 144 -13.22 -2.77 5.30
N LYS A 145 -12.79 -1.51 5.35
CA LYS A 145 -13.60 -0.43 4.78
C LYS A 145 -13.86 -0.67 3.30
N HIS A 146 -12.92 -1.30 2.60
CA HIS A 146 -13.08 -1.65 1.19
C HIS A 146 -13.58 -3.07 1.01
N ASN A 147 -14.26 -3.62 2.01
CA ASN A 147 -14.87 -4.95 1.96
C ASN A 147 -13.90 -5.99 1.42
N ILE A 148 -12.75 -6.07 2.08
CA ILE A 148 -11.74 -7.09 1.81
C ILE A 148 -11.33 -7.70 3.14
N VAL A 149 -11.34 -9.03 3.19
CA VAL A 149 -10.94 -9.79 4.37
C VAL A 149 -9.72 -10.63 3.99
N HIS A 150 -8.66 -10.52 4.79
CA HIS A 150 -7.46 -11.27 4.49
C HIS A 150 -7.71 -12.77 4.56
N ARG A 151 -8.24 -13.26 5.67
CA ARG A 151 -8.62 -14.64 5.93
C ARG A 151 -7.41 -15.51 6.27
N ASP A 152 -6.18 -15.03 6.07
CA ASP A 152 -4.98 -15.80 6.37
C ASP A 152 -3.89 -14.88 6.90
N LEU A 153 -4.26 -13.97 7.80
CA LEU A 153 -3.33 -12.99 8.33
C LEU A 153 -2.37 -13.64 9.31
N LYS A 154 -1.07 -13.58 9.02
CA LYS A 154 -0.05 -14.11 9.91
C LYS A 154 1.28 -13.44 9.57
N PRO A 155 2.30 -13.63 10.40
CA PRO A 155 3.59 -12.95 10.14
C PRO A 155 4.25 -13.36 8.84
N GLU A 156 3.93 -14.55 8.32
CA GLU A 156 4.52 -14.98 7.06
C GLU A 156 3.98 -14.19 5.88
N ASN A 157 2.82 -13.55 6.03
CA ASN A 157 2.22 -12.73 4.97
C ASN A 157 2.33 -11.24 5.26
N ILE A 158 3.30 -10.84 6.07
CA ILE A 158 3.61 -9.43 6.33
C ILE A 158 5.10 -9.25 6.06
N LEU A 159 5.44 -8.25 5.24
CA LEU A 159 6.81 -8.05 4.78
C LEU A 159 7.27 -6.65 5.10
N LEU A 160 8.52 -6.54 5.58
CA LEU A 160 9.16 -5.25 5.75
C LEU A 160 9.64 -4.76 4.39
N GLU A 161 9.42 -3.47 4.11
CA GLU A 161 9.69 -2.97 2.77
C GLU A 161 11.18 -2.90 2.45
N SER A 162 12.04 -2.87 3.46
CA SER A 162 13.48 -2.75 3.23
C SER A 162 14.22 -3.33 4.43
N LYS A 163 15.55 -3.22 4.39
CA LYS A 163 16.40 -3.60 5.52
C LYS A 163 16.74 -2.40 6.40
N GLU A 164 16.08 -1.27 6.20
CA GLU A 164 16.22 -0.14 7.10
C GLU A 164 15.61 -0.47 8.46
N LYS A 165 15.96 0.34 9.47
CA LYS A 165 15.59 0.06 10.84
C LYS A 165 14.08 -0.01 11.03
N ASP A 166 13.40 1.14 10.93
CA ASP A 166 11.98 1.20 11.27
C ASP A 166 11.11 1.46 10.05
N CYS A 167 11.31 0.67 8.99
CA CYS A 167 10.52 0.83 7.78
C CYS A 167 9.15 0.18 7.96
N ASP A 168 8.22 0.56 7.09
CA ASP A 168 6.86 0.08 7.17
C ASP A 168 6.78 -1.42 6.92
N ILE A 169 5.75 -2.04 7.48
CA ILE A 169 5.40 -3.42 7.15
C ILE A 169 4.33 -3.39 6.06
N LYS A 170 4.14 -4.53 5.39
CA LYS A 170 3.31 -4.59 4.20
C LYS A 170 2.51 -5.89 4.21
N ILE A 171 1.19 -5.77 4.21
CA ILE A 171 0.31 -6.93 4.15
C ILE A 171 0.16 -7.36 2.70
N ILE A 172 0.39 -8.65 2.44
CA ILE A 172 0.41 -9.18 1.08
C ILE A 172 -0.49 -10.40 1.00
N ASP A 173 -0.58 -10.97 -0.21
CA ASP A 173 -1.19 -12.27 -0.45
C ASP A 173 -2.60 -12.35 0.14
N PHE A 174 -3.50 -11.62 -0.51
CA PHE A 174 -4.90 -11.61 -0.11
C PHE A 174 -5.74 -11.18 -1.31
N GLY A 175 -7.04 -11.46 -1.22
CA GLY A 175 -7.99 -11.07 -2.25
C GLY A 175 -8.12 -12.03 -3.41
N LEU A 176 -7.27 -13.04 -3.49
CA LEU A 176 -7.26 -13.95 -4.63
C LEU A 176 -8.14 -15.18 -4.43
N SER A 177 -8.69 -15.39 -3.23
CA SER A 177 -9.38 -16.65 -2.95
C SER A 177 -10.62 -16.83 -3.82
N THR A 178 -11.41 -15.77 -3.98
CA THR A 178 -12.63 -15.87 -4.77
C THR A 178 -12.36 -16.17 -6.24
N CYS A 179 -11.16 -15.83 -6.73
CA CYS A 179 -10.85 -15.94 -8.15
C CYS A 179 -10.10 -17.20 -8.51
N PHE A 180 -9.16 -17.65 -7.67
CA PHE A 180 -8.26 -18.74 -8.01
C PHE A 180 -8.36 -19.85 -6.98
N GLN A 181 -7.71 -20.97 -7.30
CA GLN A 181 -7.65 -22.14 -6.42
C GLN A 181 -6.24 -22.28 -5.87
N GLN A 182 -6.15 -22.66 -4.60
CA GLN A 182 -4.89 -22.77 -3.89
C GLN A 182 -4.59 -24.23 -3.61
N ASN A 183 -3.35 -24.65 -3.89
CA ASN A 183 -2.89 -25.99 -3.53
C ASN A 183 -1.55 -25.84 -2.82
N THR A 184 -1.46 -26.39 -1.61
CA THR A 184 -0.29 -26.20 -0.76
C THR A 184 0.47 -27.52 -0.54
N ASP A 188 3.66 -25.27 5.08
CA ASP A 188 3.75 -24.88 6.49
C ASP A 188 2.37 -24.65 7.08
N ARG A 189 1.48 -25.64 6.90
CA ARG A 189 0.11 -25.50 7.39
C ARG A 189 0.06 -25.38 8.92
N ILE A 190 0.98 -26.05 9.62
CA ILE A 190 1.01 -25.96 11.07
C ILE A 190 1.17 -24.52 11.51
N GLY A 191 1.98 -23.74 10.79
CA GLY A 191 2.15 -22.34 11.13
C GLY A 191 0.86 -21.56 11.07
N THR A 192 -0.02 -21.91 10.12
CA THR A 192 -1.28 -21.20 9.98
C THR A 192 -2.24 -21.49 11.12
N ALA A 193 -2.12 -22.67 11.75
CA ALA A 193 -3.08 -23.06 12.78
C ALA A 193 -3.04 -22.12 13.98
N TYR A 194 -1.88 -21.56 14.28
CA TYR A 194 -1.77 -20.67 15.43
C TYR A 194 -2.72 -19.48 15.32
N TYR A 195 -2.92 -18.97 14.10
CA TYR A 195 -3.54 -17.67 13.91
C TYR A 195 -5.00 -17.74 13.46
N ILE A 196 -5.54 -18.92 13.21
CA ILE A 196 -6.94 -19.01 12.80
C ILE A 196 -7.83 -18.71 14.00
N ALA A 197 -9.00 -18.13 13.71
CA ALA A 197 -10.01 -17.89 14.72
C ALA A 197 -10.90 -19.12 14.86
N PRO A 198 -11.55 -19.30 16.03
CA PRO A 198 -12.38 -20.50 16.20
C PRO A 198 -13.52 -20.59 15.19
N GLU A 199 -14.10 -19.46 14.76
CA GLU A 199 -15.21 -19.53 13.84
C GLU A 199 -14.79 -20.06 12.48
N VAL A 200 -13.51 -19.98 12.14
CA VAL A 200 -13.04 -20.53 10.88
C VAL A 200 -13.13 -22.05 10.90
N LEU A 201 -12.84 -22.67 12.05
CA LEU A 201 -13.07 -24.10 12.19
C LEU A 201 -14.51 -24.49 11.88
N ARG A 202 -15.45 -23.56 12.03
CA ARG A 202 -16.86 -23.84 11.84
C ARG A 202 -17.40 -23.35 10.50
N GLY A 203 -16.60 -22.63 9.72
CA GLY A 203 -17.00 -22.23 8.38
C GLY A 203 -17.31 -20.75 8.20
N THR A 204 -16.99 -19.89 9.16
CA THR A 204 -17.21 -18.46 9.06
C THR A 204 -15.90 -17.74 8.77
N TYR A 205 -15.97 -16.71 7.94
CA TYR A 205 -14.80 -15.97 7.49
C TYR A 205 -15.13 -14.48 7.41
N ASP A 206 -15.74 -13.94 8.46
CA ASP A 206 -16.14 -12.55 8.46
C ASP A 206 -14.94 -11.64 8.74
N GLU A 207 -15.18 -10.33 8.74
CA GLU A 207 -14.10 -9.38 8.99
C GLU A 207 -13.43 -9.63 10.33
N LYS A 208 -14.15 -10.21 11.30
CA LYS A 208 -13.62 -10.34 12.65
C LYS A 208 -12.50 -11.36 12.72
N CYS A 209 -12.49 -12.35 11.83
CA CYS A 209 -11.41 -13.33 11.85
CA CYS A 209 -11.41 -13.33 11.83
C CYS A 209 -10.05 -12.66 11.73
N ASP A 210 -9.96 -11.54 11.01
CA ASP A 210 -8.69 -10.84 10.89
C ASP A 210 -8.27 -10.24 12.22
N VAL A 211 -9.21 -9.64 12.94
CA VAL A 211 -8.88 -9.06 14.24
C VAL A 211 -8.30 -10.11 15.17
N TRP A 212 -8.90 -11.31 15.18
CA TRP A 212 -8.36 -12.40 15.97
C TRP A 212 -6.90 -12.66 15.61
N SER A 213 -6.63 -12.87 14.31
CA SER A 213 -5.27 -13.14 13.87
C SER A 213 -4.30 -12.05 14.35
N ALA A 214 -4.69 -10.78 14.20
CA ALA A 214 -3.85 -9.71 14.69
C ALA A 214 -3.64 -9.82 16.20
N GLY A 215 -4.64 -10.32 16.93
CA GLY A 215 -4.48 -10.49 18.36
C GLY A 215 -3.48 -11.58 18.70
N VAL A 216 -3.51 -12.69 17.98
CA VAL A 216 -2.51 -13.74 18.17
C VAL A 216 -1.13 -13.22 17.82
N ILE A 217 -1.02 -12.40 16.77
CA ILE A 217 0.27 -11.82 16.43
C ILE A 217 0.77 -10.94 17.56
N LEU A 218 -0.11 -10.11 18.12
CA LEU A 218 0.30 -9.20 19.18
C LEU A 218 0.69 -9.95 20.45
N TYR A 219 -0.02 -11.04 20.74
CA TYR A 219 0.40 -11.92 21.83
C TYR A 219 1.80 -12.47 21.58
N ILE A 220 2.09 -12.84 20.32
CA ILE A 220 3.37 -13.43 20.00
C ILE A 220 4.48 -12.39 20.05
N LEU A 221 4.17 -11.14 19.70
CA LEU A 221 5.21 -10.11 19.71
C LEU A 221 5.70 -9.84 21.12
N LEU A 222 4.79 -9.86 22.10
CA LEU A 222 5.12 -9.48 23.46
C LEU A 222 5.61 -10.62 24.34
N SER A 223 5.43 -11.87 23.93
CA SER A 223 5.86 -13.00 24.74
C SER A 223 6.78 -13.94 23.99
N GLY A 224 6.56 -14.13 22.69
CA GLY A 224 7.27 -15.10 21.91
C GLY A 224 6.66 -16.49 21.92
N THR A 225 5.41 -16.61 22.37
CA THR A 225 4.70 -17.87 22.48
C THR A 225 3.31 -17.71 21.89
N PRO A 226 2.84 -18.66 21.08
CA PRO A 226 1.45 -18.61 20.62
C PRO A 226 0.49 -18.75 21.78
N PRO A 227 -0.60 -17.98 21.80
CA PRO A 227 -1.60 -18.19 22.85
C PRO A 227 -2.22 -19.57 22.81
N PHE A 228 -2.28 -20.18 21.64
CA PHE A 228 -2.79 -21.54 21.45
C PHE A 228 -1.63 -22.34 20.90
N TYR A 229 -0.98 -23.11 21.78
CA TYR A 229 0.31 -23.72 21.51
C TYR A 229 0.19 -25.22 21.28
N GLY A 230 1.20 -25.77 20.62
CA GLY A 230 1.25 -27.19 20.33
C GLY A 230 2.34 -27.55 19.36
N LYS A 231 2.86 -28.77 19.45
CA LYS A 231 3.92 -29.22 18.56
C LYS A 231 3.40 -29.71 17.21
N ASN A 232 2.09 -29.93 17.09
CA ASN A 232 1.52 -30.49 15.87
C ASN A 232 0.20 -29.79 15.57
N GLU A 233 -0.30 -30.02 14.35
CA GLU A 233 -1.52 -29.35 13.90
C GLU A 233 -2.72 -29.71 14.77
N TYR A 234 -2.76 -30.94 15.29
CA TYR A 234 -3.93 -31.39 16.04
C TYR A 234 -4.07 -30.63 17.36
N ASP A 235 -3.05 -30.73 18.22
CA ASP A 235 -3.14 -30.09 19.54
C ASP A 235 -3.46 -28.61 19.42
N ILE A 236 -2.84 -27.91 18.47
CA ILE A 236 -3.09 -26.48 18.31
C ILE A 236 -4.58 -26.24 18.08
N LEU A 237 -5.18 -26.96 17.13
CA LEU A 237 -6.58 -26.74 16.80
C LEU A 237 -7.49 -27.07 17.98
N LYS A 238 -7.07 -28.00 18.85
CA LYS A 238 -7.88 -28.30 20.02
C LYS A 238 -7.94 -27.12 20.97
N ARG A 239 -6.82 -26.40 21.13
CA ARG A 239 -6.83 -25.22 21.99
C ARG A 239 -7.58 -24.05 21.34
N VAL A 240 -7.56 -23.96 20.02
CA VAL A 240 -8.25 -22.87 19.34
C VAL A 240 -9.75 -23.01 19.48
N GLU A 241 -10.28 -24.24 19.29
CA GLU A 241 -11.72 -24.45 19.37
C GLU A 241 -12.27 -23.94 20.70
N THR A 242 -11.63 -24.31 21.81
CA THR A 242 -12.10 -23.83 23.11
C THR A 242 -11.89 -22.33 23.25
N GLY A 243 -10.91 -21.76 22.56
CA GLY A 243 -10.67 -20.33 22.65
C GLY A 243 -10.08 -19.88 23.96
N LYS A 244 -9.47 -20.79 24.73
CA LYS A 244 -8.92 -20.48 26.04
C LYS A 244 -7.44 -20.18 25.93
N TYR A 245 -7.01 -19.08 26.55
CA TYR A 245 -5.63 -18.66 26.61
C TYR A 245 -5.40 -17.99 27.94
N ALA A 246 -4.14 -17.82 28.31
CA ALA A 246 -3.82 -17.26 29.60
C ALA A 246 -2.55 -16.42 29.52
N PHE A 247 -2.42 -15.49 30.45
CA PHE A 247 -1.19 -14.73 30.64
C PHE A 247 -0.39 -15.30 31.80
N ASP A 248 -0.14 -16.62 31.74
CA ASP A 248 0.51 -17.34 32.82
C ASP A 248 2.03 -17.34 32.71
N LEU A 249 2.57 -17.17 31.51
CA LEU A 249 4.02 -17.20 31.35
C LEU A 249 4.66 -16.14 32.25
N PRO A 250 5.84 -16.42 32.81
CA PRO A 250 6.45 -15.44 33.73
C PRO A 250 6.62 -14.07 33.13
N GLN A 251 6.91 -13.98 31.83
CA GLN A 251 7.19 -12.69 31.20
C GLN A 251 5.97 -11.79 31.09
N TRP A 252 4.77 -12.31 31.30
CA TRP A 252 3.58 -11.47 31.28
C TRP A 252 3.42 -10.66 32.55
N ARG A 253 4.05 -11.08 33.65
CA ARG A 253 3.94 -10.32 34.90
C ARG A 253 4.47 -8.90 34.73
N THR A 254 5.43 -8.72 33.82
CA THR A 254 6.06 -7.42 33.62
C THR A 254 5.34 -6.56 32.58
N ILE A 255 4.34 -7.10 31.88
CA ILE A 255 3.68 -6.43 30.76
C ILE A 255 2.43 -5.73 31.24
N SER A 256 2.15 -4.57 30.65
CA SER A 256 1.16 -3.63 31.18
C SER A 256 -0.24 -4.20 31.11
N ASP A 257 -1.15 -3.55 31.84
CA ASP A 257 -2.55 -3.94 31.84
C ASP A 257 -3.29 -3.45 30.60
N ASP A 258 -2.89 -2.30 30.06
CA ASP A 258 -3.52 -1.82 28.82
C ASP A 258 -3.31 -2.81 27.69
N ALA A 259 -2.08 -3.27 27.49
CA ALA A 259 -1.80 -4.26 26.46
C ALA A 259 -2.69 -5.48 26.60
N LYS A 260 -2.79 -6.02 27.82
CA LYS A 260 -3.59 -7.22 28.04
C LYS A 260 -5.05 -6.96 27.74
N ASP A 261 -5.56 -5.78 28.10
CA ASP A 261 -6.96 -5.48 27.82
C ASP A 261 -7.22 -5.44 26.32
N LEU A 262 -6.23 -4.97 25.56
CA LEU A 262 -6.38 -4.96 24.11
C LEU A 262 -6.40 -6.37 23.55
N ILE A 263 -5.46 -7.22 24.01
CA ILE A 263 -5.42 -8.60 23.54
C ILE A 263 -6.70 -9.32 23.89
N ARG A 264 -7.23 -9.09 25.09
CA ARG A 264 -8.47 -9.74 25.49
C ARG A 264 -9.63 -9.33 24.60
N LYS A 265 -9.69 -8.05 24.22
CA LYS A 265 -10.76 -7.58 23.35
C LYS A 265 -10.64 -8.17 21.95
N MET A 266 -9.41 -8.39 21.47
CA MET A 266 -9.22 -8.92 20.12
C MET A 266 -9.52 -10.41 20.07
N LEU A 267 -9.19 -11.14 21.15
CA LEU A 267 -9.41 -12.57 21.23
C LEU A 267 -10.70 -12.92 21.95
N THR A 268 -11.74 -12.10 21.80
CA THR A 268 -13.06 -12.47 22.31
C THR A 268 -13.63 -13.60 21.46
N PHE A 269 -14.16 -14.62 22.10
CA PHE A 269 -14.60 -15.81 21.38
C PHE A 269 -15.68 -15.47 20.37
N HIS A 270 -16.74 -14.80 20.82
CA HIS A 270 -17.87 -14.53 19.93
C HIS A 270 -17.55 -13.34 19.04
N PRO A 271 -17.59 -13.50 17.71
CA PRO A 271 -17.27 -12.35 16.83
C PRO A 271 -18.15 -11.14 17.08
N SER A 272 -19.43 -11.34 17.44
CA SER A 272 -20.33 -10.21 17.65
C SER A 272 -19.88 -9.34 18.82
N LEU A 273 -19.21 -9.92 19.80
CA LEU A 273 -18.66 -9.16 20.92
C LEU A 273 -17.23 -8.71 20.68
N ARG A 274 -16.56 -9.26 19.67
CA ARG A 274 -15.18 -8.89 19.37
C ARG A 274 -15.13 -7.50 18.77
N ILE A 275 -14.06 -6.76 19.09
CA ILE A 275 -13.92 -5.38 18.65
C ILE A 275 -13.45 -5.34 17.21
N THR A 276 -13.53 -4.16 16.59
CA THR A 276 -13.21 -3.96 15.19
C THR A 276 -11.75 -3.54 15.01
N ALA A 277 -11.33 -3.47 13.75
CA ALA A 277 -9.97 -2.99 13.46
C ALA A 277 -9.82 -1.51 13.85
N THR A 278 -10.84 -0.71 13.60
CA THR A 278 -10.82 0.68 14.03
C THR A 278 -10.62 0.78 15.53
N GLN A 279 -11.33 -0.05 16.29
CA GLN A 279 -11.16 -0.03 17.75
C GLN A 279 -9.78 -0.52 18.17
N CYS A 280 -9.18 -1.44 17.41
CA CYS A 280 -7.80 -1.83 17.68
C CYS A 280 -6.87 -0.63 17.51
N LEU A 281 -7.06 0.15 16.45
CA LEU A 281 -6.13 1.23 16.13
C LEU A 281 -6.24 2.37 17.12
N GLU A 282 -7.44 2.65 17.60
CA GLU A 282 -7.68 3.77 18.50
C GLU A 282 -7.56 3.41 19.97
N HIS A 283 -7.23 2.16 20.29
CA HIS A 283 -7.07 1.74 21.67
C HIS A 283 -6.01 2.62 22.34
N PRO A 284 -6.17 2.93 23.63
CA PRO A 284 -5.18 3.80 24.28
C PRO A 284 -3.76 3.26 24.24
N TRP A 285 -3.59 1.95 24.42
CA TRP A 285 -2.26 1.35 24.39
C TRP A 285 -1.50 1.73 23.11
N ILE A 286 -2.21 1.84 21.99
CA ILE A 286 -1.57 2.21 20.74
C ILE A 286 -1.14 3.67 20.78
N GLN A 287 -1.97 4.53 21.35
CA GLN A 287 -1.66 5.96 21.39
C GLN A 287 -0.46 6.24 22.28
N LYS A 288 -0.32 5.51 23.38
CA LYS A 288 0.76 5.78 24.33
C LYS A 288 2.12 5.53 23.70
N TYR A 289 2.28 4.43 22.97
CA TYR A 289 3.57 4.02 22.44
C TYR A 289 3.78 4.41 20.99
N SER A 290 2.85 5.13 20.38
CA SER A 290 2.95 5.53 18.98
C SER A 290 2.45 6.97 18.87
N SER A 291 3.36 7.92 19.08
CA SER A 291 3.06 9.34 18.96
C SER A 291 4.07 10.04 18.04
N GLU A 292 4.55 9.32 17.03
CA GLU A 292 5.57 9.85 16.13
C GLU A 292 5.18 11.24 15.63
N THR A 293 6.15 12.14 15.59
CA THR A 293 5.91 13.54 15.26
C THR A 293 7.17 14.13 14.66
N PRO A 294 7.06 15.19 13.87
CA PRO A 294 8.25 15.76 13.22
C PRO A 294 9.18 16.44 14.21
N THR A 295 10.43 16.60 13.79
CA THR A 295 11.49 17.18 14.59
C THR A 295 12.26 18.19 13.75
N ILE A 296 13.27 18.82 14.37
CA ILE A 296 14.04 19.83 13.67
C ILE A 296 14.81 19.22 12.50
N SER A 297 15.15 17.94 12.60
CA SER A 297 15.90 17.30 11.53
C SER A 297 15.07 17.11 10.27
N ASP A 298 13.75 17.00 10.42
CA ASP A 298 12.86 16.80 9.28
C ASP A 298 12.64 18.06 8.47
N LEU A 299 13.05 19.23 8.97
CA LEU A 299 12.75 20.48 8.29
C LEU A 299 13.19 20.51 6.84
N PRO A 300 14.37 20.03 6.46
CA PRO A 300 14.78 20.12 5.04
C PRO A 300 13.80 19.41 4.12
N SER A 301 13.58 18.12 4.34
CA SER A 301 12.66 17.37 3.50
C SER A 301 11.23 17.88 3.62
N LEU A 302 10.86 18.39 4.80
CA LEU A 302 9.49 18.85 5.01
C LEU A 302 9.22 20.12 4.22
N GLU A 303 10.21 20.99 4.10
CA GLU A 303 10.03 22.23 3.33
C GLU A 303 10.01 21.96 1.83
N SER A 304 10.77 20.97 1.37
CA SER A 304 10.73 20.60 -0.04
C SER A 304 9.34 20.11 -0.43
N ALA A 305 8.67 19.39 0.48
CA ALA A 305 7.33 18.89 0.19
C ALA A 305 6.33 20.02 0.10
N MET A 306 6.38 20.97 1.04
CA MET A 306 5.42 22.07 1.03
C MET A 306 5.59 22.95 -0.20
N THR A 307 6.84 23.22 -0.58
CA THR A 307 7.09 24.08 -1.74
C THR A 307 6.58 23.43 -3.02
N ASN A 308 6.81 22.11 -3.16
CA ASN A 308 6.29 21.39 -4.32
C ASN A 308 4.78 21.22 -4.27
N ILE A 309 4.18 21.36 -3.09
CA ILE A 309 2.72 21.29 -2.99
C ILE A 309 2.08 22.61 -3.39
N ARG A 310 2.76 23.73 -3.13
CA ARG A 310 2.28 25.01 -3.65
C ARG A 310 2.42 25.05 -5.17
N GLN A 311 3.57 24.62 -5.69
CA GLN A 311 3.73 24.50 -7.13
C GLN A 311 2.66 23.59 -7.74
N PHE A 312 2.18 22.61 -6.95
CA PHE A 312 1.15 21.71 -7.45
C PHE A 312 -0.14 22.46 -7.74
N GLN A 313 -0.65 23.21 -6.75
CA GLN A 313 -1.92 23.91 -6.93
C GLN A 313 -1.82 25.02 -7.97
N ALA A 314 -0.62 25.54 -8.22
CA ALA A 314 -0.46 26.58 -9.24
C ALA A 314 -0.59 25.98 -10.65
N GLU A 315 -0.10 24.75 -10.83
CA GLU A 315 -0.26 24.08 -12.11
C GLU A 315 -1.74 23.85 -12.41
N LYS A 316 -2.04 23.53 -13.67
CA LYS A 316 -3.41 23.38 -14.11
C LYS A 316 -3.94 21.99 -13.73
N LYS A 317 -5.22 21.76 -14.04
CA LYS A 317 -5.83 20.48 -13.72
C LYS A 317 -5.24 19.36 -14.55
N LEU A 318 -4.93 19.63 -15.82
CA LEU A 318 -4.34 18.61 -16.69
C LEU A 318 -2.94 18.24 -16.22
N ALA A 319 -2.15 19.24 -15.82
CA ALA A 319 -0.80 18.97 -15.35
C ALA A 319 -0.81 18.16 -14.06
N GLN A 320 -1.69 18.52 -13.12
CA GLN A 320 -1.77 17.81 -11.86
C GLN A 320 -2.14 16.34 -12.06
N ALA A 321 -3.09 16.07 -12.97
CA ALA A 321 -3.50 14.69 -13.22
C ALA A 321 -2.37 13.88 -13.85
N ALA A 322 -1.58 14.52 -14.72
CA ALA A 322 -0.45 13.82 -15.32
C ALA A 322 0.60 13.45 -14.28
N LEU A 323 0.87 14.35 -13.34
CA LEU A 323 1.83 14.05 -12.28
C LEU A 323 1.33 12.93 -11.37
N LEU A 324 0.01 12.84 -11.15
CA LEU A 324 -0.51 11.76 -10.31
C LEU A 324 -0.45 10.42 -11.02
N TYR A 325 -0.62 10.41 -12.35
CA TYR A 325 -0.54 9.15 -13.08
C TYR A 325 0.83 8.51 -12.94
N MET A 326 1.89 9.31 -13.07
CA MET A 326 3.25 8.78 -13.02
C MET A 326 3.79 8.66 -11.62
N ALA A 327 3.18 9.33 -10.64
CA ALA A 327 3.57 9.16 -9.25
C ALA A 327 2.98 7.89 -8.65
N SER A 328 1.88 7.38 -9.21
CA SER A 328 1.22 6.20 -8.69
C SER A 328 1.45 4.95 -9.53
N LYS A 329 1.81 5.10 -10.80
CA LYS A 329 1.98 3.97 -11.69
C LYS A 329 3.44 3.59 -11.94
N LEU A 330 4.38 4.51 -11.79
CA LEU A 330 5.73 4.27 -12.26
C LEU A 330 6.81 4.56 -11.24
N THR A 331 6.47 5.03 -10.04
CA THR A 331 7.49 5.28 -9.03
C THR A 331 7.78 4.02 -8.22
N THR A 332 8.86 4.08 -7.46
CA THR A 332 9.25 3.01 -6.54
C THR A 332 9.55 3.64 -5.18
N LEU A 333 9.51 2.80 -4.14
CA LEU A 333 9.57 3.32 -2.78
C LEU A 333 10.95 3.87 -2.42
N ASP A 334 12.02 3.37 -3.05
CA ASP A 334 13.34 3.91 -2.74
C ASP A 334 13.44 5.38 -3.13
N GLU A 335 12.81 5.75 -4.25
CA GLU A 335 12.84 7.14 -4.68
C GLU A 335 12.07 8.05 -3.76
N THR A 336 11.11 7.51 -3.02
CA THR A 336 10.26 8.28 -2.14
C THR A 336 10.50 7.95 -0.66
N LYS A 337 11.69 7.44 -0.33
CA LYS A 337 11.96 7.08 1.05
C LYS A 337 11.96 8.30 1.96
N GLN A 338 12.43 9.44 1.45
CA GLN A 338 12.38 10.67 2.24
C GLN A 338 10.95 11.10 2.48
N LEU A 339 10.10 11.03 1.46
CA LEU A 339 8.71 11.44 1.59
C LEU A 339 7.86 10.41 2.34
N THR A 340 8.30 9.16 2.40
CA THR A 340 7.56 8.15 3.14
C THR A 340 7.61 8.46 4.64
N GLU A 341 8.78 8.87 5.13
CA GLU A 341 8.93 9.22 6.54
C GLU A 341 8.09 10.44 6.90
N ILE A 342 8.10 11.46 6.03
CA ILE A 342 7.31 12.66 6.30
C ILE A 342 5.82 12.33 6.31
N PHE A 343 5.38 11.48 5.38
CA PHE A 343 3.98 11.09 5.35
C PHE A 343 3.58 10.37 6.61
N ARG A 344 4.48 9.54 7.15
CA ARG A 344 4.19 8.81 8.39
C ARG A 344 4.07 9.77 9.56
N LYS A 345 4.95 10.78 9.63
CA LYS A 345 4.93 11.70 10.76
C LYS A 345 3.74 12.66 10.71
N LEU A 346 3.20 12.91 9.52
CA LEU A 346 2.00 13.72 9.39
C LEU A 346 0.72 12.94 9.69
N ASP A 347 0.81 11.61 9.80
CA ASP A 347 -0.37 10.75 9.92
C ASP A 347 -0.66 10.52 11.40
N THR A 348 -1.29 11.52 12.02
CA THR A 348 -1.50 11.48 13.47
C THR A 348 -2.38 10.30 13.87
N ASN A 349 -3.54 10.14 13.23
CA ASN A 349 -4.45 9.04 13.60
C ASN A 349 -3.95 7.69 13.14
N ASN A 350 -2.85 7.63 12.37
CA ASN A 350 -2.23 6.37 11.97
C ASN A 350 -3.17 5.49 11.14
N ASP A 351 -4.09 6.12 10.40
CA ASP A 351 -4.99 5.38 9.53
C ASP A 351 -4.46 5.28 8.10
N GLY A 352 -3.26 5.79 7.83
CA GLY A 352 -2.64 5.68 6.53
C GLY A 352 -2.95 6.78 5.55
N MET A 353 -3.66 7.83 5.96
CA MET A 353 -4.10 8.88 5.06
C MET A 353 -4.01 10.22 5.78
N LEU A 354 -4.01 11.30 5.01
CA LEU A 354 -3.90 12.66 5.54
C LEU A 354 -5.23 13.38 5.32
N ASP A 355 -6.01 13.50 6.37
CA ASP A 355 -7.23 14.31 6.29
C ASP A 355 -6.86 15.78 6.35
N ARG A 356 -7.87 16.64 6.19
CA ARG A 356 -7.62 18.08 6.18
C ARG A 356 -6.94 18.53 7.47
N ASP A 357 -7.45 18.07 8.62
CA ASP A 357 -6.89 18.50 9.89
C ASP A 357 -5.41 18.12 10.02
N GLU A 358 -5.04 16.95 9.51
CA GLU A 358 -3.64 16.53 9.60
C GLU A 358 -2.74 17.38 8.71
N LEU A 359 -3.27 17.95 7.62
CA LEU A 359 -2.46 18.81 6.78
C LEU A 359 -2.25 20.18 7.42
N VAL A 360 -3.28 20.73 8.07
CA VAL A 360 -3.17 22.04 8.70
C VAL A 360 -2.22 21.97 9.89
N ARG A 361 -2.38 20.97 10.75
CA ARG A 361 -1.51 20.84 11.91
C ARG A 361 -0.06 20.63 11.49
N GLY A 362 0.16 19.78 10.48
CA GLY A 362 1.53 19.56 10.01
C GLY A 362 2.14 20.81 9.42
N TYR A 363 1.35 21.58 8.67
CA TYR A 363 1.84 22.84 8.14
C TYR A 363 2.10 23.84 9.25
N HIS A 364 1.37 23.73 10.37
CA HIS A 364 1.59 24.64 11.50
C HIS A 364 2.86 24.27 12.26
N GLU A 365 3.07 22.97 12.49
CA GLU A 365 4.30 22.55 13.14
C GLU A 365 5.51 22.89 12.31
N PHE A 366 5.40 22.71 10.98
CA PHE A 366 6.46 23.15 10.09
C PHE A 366 6.84 24.59 10.35
N MET A 367 5.86 25.44 10.62
CA MET A 367 6.17 26.83 10.95
C MET A 367 6.88 26.94 12.29
N ARG A 368 6.39 26.21 13.30
CA ARG A 368 6.95 26.35 14.63
C ARG A 368 8.38 25.79 14.71
N LEU A 369 8.71 24.82 13.85
CA LEU A 369 10.06 24.28 13.86
C LEU A 369 11.06 25.19 13.15
N LYS A 370 10.60 25.92 12.13
CA LYS A 370 11.45 26.92 11.51
C LYS A 370 11.71 28.10 12.44
N GLY A 371 10.70 28.49 13.21
CA GLY A 371 10.77 29.69 14.02
C GLY A 371 9.96 30.82 13.43
N VAL A 372 8.80 30.49 12.85
CA VAL A 372 7.93 31.45 12.18
C VAL A 372 6.54 31.35 12.77
N ASP A 373 5.87 32.49 12.87
CA ASP A 373 4.56 32.58 13.48
C ASP A 373 3.48 32.29 12.43
N SER A 374 2.64 31.30 12.70
CA SER A 374 1.56 30.97 11.77
CA SER A 374 1.56 30.97 11.77
C SER A 374 0.42 31.98 11.85
N ASN A 375 0.19 32.56 13.03
CA ASN A 375 -0.88 33.54 13.23
C ASN A 375 -2.24 32.86 13.14
N SER A 383 -2.84 35.02 2.86
CA SER A 383 -3.66 33.80 2.89
C SER A 383 -3.32 32.95 4.11
N THR A 384 -4.32 32.71 4.95
CA THR A 384 -4.11 31.92 6.16
C THR A 384 -3.80 30.48 5.79
N ILE A 385 -3.22 29.75 6.75
CA ILE A 385 -2.93 28.33 6.55
C ILE A 385 -4.23 27.57 6.34
N GLU A 386 -5.25 27.88 7.14
CA GLU A 386 -6.50 27.14 7.06
C GLU A 386 -7.17 27.34 5.71
N ASP A 387 -7.18 28.58 5.21
CA ASP A 387 -7.79 28.86 3.92
C ASP A 387 -6.93 28.40 2.75
N GLN A 388 -5.63 28.21 2.97
CA GLN A 388 -4.79 27.61 1.92
C GLN A 388 -5.15 26.14 1.73
N ILE A 389 -5.19 25.38 2.82
CA ILE A 389 -5.49 23.95 2.72
C ILE A 389 -6.89 23.73 2.16
N ASP A 390 -7.84 24.61 2.51
CA ASP A 390 -9.19 24.47 2.01
C ASP A 390 -9.21 24.43 0.49
N SER A 391 -8.47 25.34 -0.15
CA SER A 391 -8.40 25.35 -1.61
C SER A 391 -7.52 24.22 -2.15
N LEU A 392 -6.54 23.79 -1.37
CA LEU A 392 -5.60 22.77 -1.85
C LEU A 392 -6.19 21.37 -1.81
N MET A 393 -7.14 21.12 -0.89
CA MET A 393 -7.67 19.77 -0.73
C MET A 393 -8.32 19.24 -1.99
N PRO A 394 -9.21 19.98 -2.66
CA PRO A 394 -9.82 19.45 -3.90
C PRO A 394 -8.82 19.12 -4.99
N LEU A 395 -7.67 19.80 -5.02
CA LEU A 395 -6.68 19.55 -6.05
C LEU A 395 -5.89 18.28 -5.76
N LEU A 396 -5.48 18.07 -4.51
CA LEU A 396 -4.70 16.88 -4.18
C LEU A 396 -5.58 15.64 -4.14
N ASP A 397 -6.82 15.78 -3.69
CA ASP A 397 -7.72 14.65 -3.51
C ASP A 397 -8.45 14.38 -4.82
N MET A 398 -7.67 13.93 -5.81
CA MET A 398 -8.20 13.78 -7.17
C MET A 398 -9.15 12.61 -7.30
N ASP A 399 -9.14 11.67 -6.34
CA ASP A 399 -10.12 10.59 -6.32
C ASP A 399 -11.35 10.94 -5.49
N GLY A 400 -11.32 12.01 -4.72
CA GLY A 400 -12.44 12.38 -3.88
C GLY A 400 -12.67 11.47 -2.71
N SER A 401 -11.62 10.85 -2.19
CA SER A 401 -11.75 9.89 -1.10
C SER A 401 -11.97 10.55 0.26
N GLY A 402 -11.94 11.88 0.33
CA GLY A 402 -12.01 12.58 1.59
C GLY A 402 -10.67 12.76 2.27
N SER A 403 -9.60 12.16 1.74
CA SER A 403 -8.28 12.31 2.35
C SER A 403 -7.22 12.06 1.29
N ILE A 404 -6.00 12.50 1.60
CA ILE A 404 -4.88 12.42 0.68
C ILE A 404 -4.14 11.12 0.95
N GLU A 405 -4.25 10.16 0.03
CA GLU A 405 -3.49 8.92 0.14
C GLU A 405 -2.07 9.14 -0.35
N TYR A 406 -1.23 8.12 -0.14
CA TYR A 406 0.21 8.29 -0.35
C TYR A 406 0.53 8.68 -1.80
N SER A 407 -0.17 8.07 -2.76
CA SER A 407 0.11 8.37 -4.16
C SER A 407 -0.15 9.83 -4.49
N GLU A 408 -1.27 10.37 -4.00
CA GLU A 408 -1.56 11.78 -4.22
C GLU A 408 -0.56 12.68 -3.50
N PHE A 409 -0.07 12.24 -2.34
CA PHE A 409 0.87 13.06 -1.58
C PHE A 409 2.21 13.18 -2.32
N ILE A 410 2.73 12.04 -2.80
CA ILE A 410 4.00 12.08 -3.52
C ILE A 410 3.85 12.80 -4.85
N ALA A 411 2.68 12.69 -5.49
CA ALA A 411 2.47 13.37 -6.76
C ALA A 411 2.65 14.88 -6.61
N SER A 412 2.37 15.43 -5.43
CA SER A 412 2.46 16.85 -5.20
C SER A 412 3.67 17.27 -4.40
N ALA A 413 4.26 16.38 -3.62
CA ALA A 413 5.38 16.70 -2.75
C ALA A 413 6.73 16.37 -3.38
N ILE A 414 6.73 15.77 -4.57
CA ILE A 414 7.95 15.29 -5.20
C ILE A 414 8.45 16.34 -6.19
N ASP A 415 9.77 16.35 -6.39
CA ASP A 415 10.36 17.20 -7.42
C ASP A 415 9.94 16.70 -8.79
N ARG A 416 9.32 17.59 -9.58
CA ARG A 416 8.80 17.16 -10.88
C ARG A 416 9.91 16.66 -11.79
N THR A 417 11.12 17.21 -11.65
CA THR A 417 12.24 16.75 -12.46
C THR A 417 12.48 15.26 -12.26
N ILE A 418 12.19 14.75 -11.06
CA ILE A 418 12.31 13.32 -10.81
C ILE A 418 11.23 12.56 -11.57
N LEU A 419 9.97 12.97 -11.42
CA LEU A 419 8.87 12.25 -12.03
C LEU A 419 9.03 12.14 -13.54
N LEU A 420 9.56 13.18 -14.18
CA LEU A 420 9.64 13.26 -15.63
C LEU A 420 11.04 12.98 -16.16
N SER A 421 11.71 11.98 -15.61
CA SER A 421 12.92 11.47 -16.23
C SER A 421 12.57 10.87 -17.60
N ARG A 422 13.58 10.75 -18.46
CA ARG A 422 13.31 10.28 -19.81
C ARG A 422 12.74 8.86 -19.79
N GLU A 423 13.42 7.95 -19.09
CA GLU A 423 12.98 6.56 -19.09
C GLU A 423 11.55 6.43 -18.58
N ARG A 424 11.18 7.24 -17.57
CA ARG A 424 9.82 7.13 -17.03
C ARG A 424 8.78 7.70 -17.99
N MET A 425 9.17 8.69 -18.80
CA MET A 425 8.25 9.21 -19.83
C MET A 425 8.12 8.26 -21.00
N GLU A 426 9.18 7.49 -21.31
CA GLU A 426 9.07 6.48 -22.35
C GLU A 426 8.01 5.45 -22.00
N ARG A 427 8.07 4.90 -20.79
CA ARG A 427 7.07 3.93 -20.36
C ARG A 427 5.67 4.51 -20.47
N ALA A 428 5.47 5.71 -19.93
CA ALA A 428 4.16 6.35 -20.02
C ALA A 428 3.67 6.38 -21.46
N PHE A 429 4.55 6.75 -22.40
CA PHE A 429 4.12 6.84 -23.80
C PHE A 429 3.68 5.49 -24.35
N LYS A 430 4.45 4.43 -24.06
CA LYS A 430 4.09 3.11 -24.57
C LYS A 430 2.83 2.56 -23.92
N MET A 431 2.50 3.02 -22.72
CA MET A 431 1.30 2.55 -22.05
C MET A 431 0.05 2.95 -22.83
N PHE A 432 0.05 4.16 -23.42
CA PHE A 432 -1.12 4.69 -24.08
C PHE A 432 -1.16 4.38 -25.57
N ASP A 433 -0.01 4.08 -26.18
CA ASP A 433 0.06 3.88 -27.63
C ASP A 433 -0.22 2.41 -27.96
N LYS A 434 -1.51 2.10 -28.06
CA LYS A 434 -1.92 0.87 -28.73
C LYS A 434 -1.72 1.07 -30.23
N ASP A 435 -1.07 0.10 -30.87
CA ASP A 435 -0.50 0.28 -32.22
C ASP A 435 0.89 0.87 -32.08
N GLY A 436 1.34 1.65 -33.07
CA GLY A 436 2.71 2.11 -33.09
C GLY A 436 2.94 3.55 -33.47
N SER A 437 3.84 4.20 -32.71
CA SER A 437 4.48 5.45 -33.09
C SER A 437 3.70 6.71 -32.73
N GLY A 438 2.38 6.61 -32.63
CA GLY A 438 1.58 7.81 -32.48
C GLY A 438 0.49 7.72 -31.42
N LYS A 439 0.34 8.79 -30.64
CA LYS A 439 -0.66 8.86 -29.58
C LYS A 439 -1.82 9.74 -30.06
N ILE A 440 -3.01 9.14 -30.17
CA ILE A 440 -4.19 9.89 -30.57
C ILE A 440 -4.65 10.79 -29.43
N SER A 441 -5.50 11.76 -29.76
CA SER A 441 -6.14 12.55 -28.71
C SER A 441 -7.00 11.67 -27.81
N THR A 442 -7.64 10.65 -28.38
CA THR A 442 -8.43 9.72 -27.58
C THR A 442 -7.53 8.86 -26.70
N LYS A 443 -6.46 8.31 -27.30
CA LYS A 443 -5.53 7.48 -26.53
C LYS A 443 -4.84 8.29 -25.44
N GLU A 444 -4.65 9.59 -25.67
CA GLU A 444 -3.96 10.41 -24.68
C GLU A 444 -4.84 10.67 -23.46
N LEU A 445 -6.18 10.67 -23.64
CA LEU A 445 -7.07 10.92 -22.52
C LEU A 445 -6.85 9.93 -21.39
N PHE A 446 -6.41 8.71 -21.70
CA PHE A 446 -6.26 7.69 -20.66
C PHE A 446 -5.39 8.18 -19.51
N LYS A 447 -4.41 9.02 -19.80
CA LYS A 447 -3.51 9.51 -18.75
C LYS A 447 -4.25 10.42 -17.78
N LEU A 448 -4.89 11.46 -18.30
CA LEU A 448 -5.53 12.46 -17.43
C LEU A 448 -6.78 11.89 -16.77
N PHE A 449 -7.62 11.20 -17.54
CA PHE A 449 -8.89 10.70 -17.01
C PHE A 449 -8.66 9.72 -15.86
N SER A 450 -7.57 8.96 -15.90
CA SER A 450 -7.34 7.94 -14.87
C SER A 450 -7.23 8.57 -13.48
N GLN A 451 -6.84 9.84 -13.40
CA GLN A 451 -6.58 10.49 -12.12
C GLN A 451 -7.62 11.54 -11.77
N ALA A 452 -7.84 12.53 -12.64
CA ALA A 452 -8.72 13.64 -12.30
C ALA A 452 -10.20 13.25 -12.40
N ASP A 453 -10.57 12.54 -13.46
CA ASP A 453 -11.96 12.15 -13.72
C ASP A 453 -12.84 13.34 -14.03
N SER A 454 -12.25 14.46 -14.45
CA SER A 454 -13.02 15.67 -14.80
C SER A 454 -12.91 15.96 -16.30
N GLU A 460 -11.60 17.75 -21.08
CA GLU A 460 -11.79 17.74 -22.53
C GLU A 460 -11.02 18.87 -23.19
N LEU A 461 -9.99 19.37 -22.50
CA LEU A 461 -9.21 20.50 -23.01
C LEU A 461 -8.18 19.98 -24.00
N GLU A 462 -8.41 20.23 -25.29
CA GLU A 462 -7.50 19.81 -26.35
C GLU A 462 -6.50 20.91 -26.71
N SER A 463 -6.46 22.00 -25.94
CA SER A 463 -5.54 23.09 -26.24
C SER A 463 -4.09 22.62 -26.21
N ILE A 464 -3.71 21.91 -25.14
CA ILE A 464 -2.34 21.45 -25.01
C ILE A 464 -1.94 20.53 -26.15
N ILE A 465 -2.91 19.92 -26.84
CA ILE A 465 -2.59 19.02 -27.94
C ILE A 465 -2.09 19.80 -29.15
N GLU A 466 -2.81 20.86 -29.52
CA GLU A 466 -2.40 21.66 -30.67
C GLU A 466 -1.11 22.42 -30.39
N GLN A 467 -0.87 22.80 -29.13
CA GLN A 467 0.37 23.48 -28.79
C GLN A 467 1.57 22.53 -28.79
N VAL A 468 1.34 21.26 -28.42
CA VAL A 468 2.44 20.30 -28.38
C VAL A 468 2.77 19.71 -29.73
N ASP A 469 1.97 19.98 -30.75
CA ASP A 469 2.15 19.38 -32.08
C ASP A 469 2.78 20.42 -33.01
N ASN A 470 4.11 20.41 -33.07
CA ASN A 470 4.82 21.33 -33.95
C ASN A 470 4.78 20.88 -35.40
N ASN A 471 4.74 19.57 -35.65
CA ASN A 471 4.76 19.04 -37.01
C ASN A 471 3.39 19.06 -37.68
N LYS A 472 2.35 19.57 -37.00
CA LYS A 472 0.99 19.63 -37.52
C LYS A 472 0.43 18.24 -37.87
N ASP A 473 1.06 17.18 -37.37
CA ASP A 473 0.63 15.83 -37.69
C ASP A 473 -0.76 15.52 -37.14
N GLY A 474 -1.11 16.12 -36.01
CA GLY A 474 -2.35 15.82 -35.34
C GLY A 474 -2.24 14.76 -34.26
N GLU A 475 -1.21 13.93 -34.30
CA GLU A 475 -0.90 12.97 -33.26
C GLU A 475 0.43 13.33 -32.62
N VAL A 476 0.60 12.89 -31.38
CA VAL A 476 1.76 13.23 -30.56
C VAL A 476 2.72 12.05 -30.57
N ASP A 477 3.87 12.22 -31.24
CA ASP A 477 4.94 11.24 -31.14
C ASP A 477 5.65 11.44 -29.79
N PHE A 478 6.77 10.75 -29.58
CA PHE A 478 7.39 10.79 -28.26
C PHE A 478 7.99 12.15 -27.95
N ASN A 479 8.61 12.81 -28.94
CA ASN A 479 9.31 14.06 -28.67
C ASN A 479 8.33 15.19 -28.37
N GLU A 480 7.19 15.22 -29.06
CA GLU A 480 6.14 16.18 -28.71
C GLU A 480 5.51 15.84 -27.37
N PHE A 481 5.41 14.54 -27.05
CA PHE A 481 4.92 14.11 -25.75
C PHE A 481 5.81 14.62 -24.62
N VAL A 482 7.12 14.53 -24.80
CA VAL A 482 8.06 15.00 -23.78
C VAL A 482 7.95 16.51 -23.62
N GLU A 483 7.93 17.24 -24.73
CA GLU A 483 7.82 18.69 -24.65
C GLU A 483 6.55 19.10 -23.90
N MET A 484 5.45 18.38 -24.12
CA MET A 484 4.21 18.70 -23.44
C MET A 484 4.35 18.55 -21.92
N LEU A 485 4.99 17.46 -21.48
CA LEU A 485 5.09 17.20 -20.04
C LEU A 485 5.98 18.22 -19.35
N GLN A 486 7.05 18.67 -20.02
CA GLN A 486 7.96 19.62 -19.38
C GLN A 486 7.27 20.94 -19.08
N ASN A 487 6.28 21.33 -19.91
CA ASN A 487 5.51 22.54 -19.61
C ASN A 487 4.74 22.38 -18.31
N PHE A 488 4.24 21.17 -18.03
CA PHE A 488 3.50 20.93 -16.80
C PHE A 488 4.35 21.21 -15.57
N VAL A 489 5.67 21.03 -15.67
CA VAL A 489 6.57 21.30 -14.55
C VAL A 489 6.45 22.77 -14.14
#